data_5ZZA
#
_entry.id   5ZZA
#
_cell.length_a   54.079
_cell.length_b   70.669
_cell.length_c   77.717
_cell.angle_alpha   90.00
_cell.angle_beta   101.13
_cell.angle_gamma   90.00
#
_symmetry.space_group_name_H-M   'P 1 21 1'
#
loop_
_entity.id
_entity.type
_entity.pdbx_description
1 polymer 'Uncharacterized protein'
2 polymer 'Actin, alpha skeletal muscle'
3 non-polymer 'LATRUNCULIN B'
4 non-polymer "ADENOSINE-5'-TRIPHOSPHATE"
5 non-polymer 'CALCIUM ION'
6 water water
#
loop_
_entity_poly.entity_id
_entity_poly.type
_entity_poly.pdbx_seq_one_letter_code
_entity_poly.pdbx_strand_id
1 'polypeptide(L)'
;GPMSLEQLAGRLISGDIGATAVIKMTGEIIYQSPNWSVDGVHAINVYKNREPSIIIQGVKYSVIDVNEDRLIATNVGGQG
HIVGAVAGGKALLIGYVSPNGDARTAYIQIDKTARQLSKIL
;
P
2 'polypeptide(L)'
;DETTALVCDNGSGLVKAGFAGDDAPRAVFPSIVGRPRHQGVMVGMGQKDSYVGDEAQSKRGILTLKYPIE(HIC)GIITN
WDDMEKIWHHTFYNELRVAPEEHPTLLTEAPLNPKANREKMTQIMFETFNVPAMYVAIQAVLSLYASGRTTGIVLDSGDG
VTHNVPIYEGYALPHAIMRLDLAGRDLTDYLMKILTERGYSFVTTAEREIVRDIKEKLCYVALDFENEMATAASSSSLEK
SYELPDGQVITIGNERFRCPETLFQPSFIGMESAGIHETTYNSIMKCDIDIRKDLYANNVMSGGTTMYPGIADRMQKEIT
ALAPSTMKIKIIAPPERKYSVWIGGSILASLSTFQQMWITKQEYDEAGPSIVHRKCF
;
A
#
# COMPACT_ATOMS: atom_id res chain seq x y z
N MET A 3 23.18 -20.55 -26.62
CA MET A 3 22.46 -21.00 -27.86
C MET A 3 21.84 -19.81 -28.62
N SER A 4 21.19 -20.08 -29.75
CA SER A 4 20.76 -19.03 -30.68
C SER A 4 19.61 -18.17 -30.16
N LEU A 5 19.41 -17.05 -30.86
CA LEU A 5 18.33 -16.09 -30.57
C LEU A 5 16.96 -16.77 -30.71
N GLU A 6 16.75 -17.40 -31.87
CA GLU A 6 15.53 -18.16 -32.17
C GLU A 6 15.23 -19.25 -31.15
N GLN A 7 16.27 -19.94 -30.70
CA GLN A 7 16.11 -21.01 -29.69
C GLN A 7 15.66 -20.44 -28.35
N LEU A 8 16.37 -19.43 -27.84
CA LEU A 8 16.01 -18.82 -26.54
C LEU A 8 14.59 -18.26 -26.53
N ALA A 9 14.25 -17.44 -27.53
CA ALA A 9 12.92 -16.83 -27.60
C ALA A 9 11.82 -17.86 -27.92
N GLY A 10 12.14 -18.83 -28.78
CA GLY A 10 11.20 -19.89 -29.13
C GLY A 10 10.89 -20.86 -28.01
N ARG A 11 11.88 -21.19 -27.18
CA ARG A 11 11.71 -22.13 -26.07
C ARG A 11 10.80 -21.57 -24.96
N LEU A 12 10.68 -20.24 -24.88
CA LEU A 12 9.70 -19.60 -23.97
C LEU A 12 8.25 -19.97 -24.25
N ILE A 13 7.94 -20.35 -25.49
CA ILE A 13 6.57 -20.73 -25.84
C ILE A 13 6.24 -22.11 -25.24
N SER A 14 5.70 -22.03 -24.03
CA SER A 14 5.24 -23.20 -23.28
CA SER A 14 5.23 -23.20 -23.30
C SER A 14 4.32 -22.70 -22.18
N GLY A 15 3.42 -23.57 -21.72
CA GLY A 15 2.47 -23.21 -20.67
C GLY A 15 1.61 -22.03 -21.10
N ASP A 16 1.61 -20.97 -20.29
CA ASP A 16 0.78 -19.78 -20.53
C ASP A 16 1.32 -18.85 -21.61
N ILE A 17 2.60 -18.97 -21.98
CA ILE A 17 3.22 -18.08 -22.95
C ILE A 17 3.02 -18.62 -24.36
N GLY A 18 2.33 -17.84 -25.20
CA GLY A 18 1.88 -18.30 -26.53
C GLY A 18 2.64 -17.73 -27.73
N ALA A 19 3.38 -16.65 -27.54
CA ALA A 19 4.16 -16.03 -28.61
C ALA A 19 5.23 -15.13 -28.03
N THR A 20 6.32 -14.93 -28.76
CA THR A 20 7.40 -14.06 -28.31
C THR A 20 7.95 -13.21 -29.44
N ALA A 21 8.57 -12.10 -29.08
CA ALA A 21 9.24 -11.21 -30.03
C ALA A 21 10.41 -10.49 -29.35
N VAL A 22 11.54 -10.42 -30.05
CA VAL A 22 12.74 -9.73 -29.57
C VAL A 22 12.90 -8.48 -30.42
N ILE A 23 12.85 -7.32 -29.77
CA ILE A 23 12.78 -6.02 -30.45
C ILE A 23 13.96 -5.17 -30.00
N LYS A 24 14.81 -4.75 -30.94
CA LYS A 24 15.88 -3.79 -30.64
C LYS A 24 15.29 -2.46 -30.21
N MET A 25 16.09 -1.65 -29.51
CA MET A 25 15.64 -0.32 -29.08
C MET A 25 15.30 0.64 -30.23
N THR A 26 15.83 0.34 -31.43
CA THR A 26 15.45 1.06 -32.65
C THR A 26 14.01 0.76 -33.12
N GLY A 27 13.48 -0.40 -32.75
CA GLY A 27 12.19 -0.88 -33.24
C GLY A 27 12.31 -2.08 -34.16
N GLU A 28 13.53 -2.41 -34.56
CA GLU A 28 13.81 -3.55 -35.44
C GLU A 28 13.53 -4.86 -34.72
N ILE A 29 12.74 -5.73 -35.35
CA ILE A 29 12.45 -7.05 -34.81
C ILE A 29 13.56 -8.00 -35.24
N ILE A 30 14.34 -8.49 -34.28
CA ILE A 30 15.42 -9.46 -34.52
C ILE A 30 14.81 -10.82 -34.82
N TYR A 31 13.84 -11.20 -33.99
CA TYR A 31 13.11 -12.45 -34.15
C TYR A 31 11.73 -12.32 -33.54
N GLN A 32 10.75 -13.01 -34.11
CA GLN A 32 9.47 -13.23 -33.45
C GLN A 32 8.94 -14.60 -33.86
N SER A 33 8.20 -15.24 -32.96
CA SER A 33 7.59 -16.52 -33.27
C SER A 33 6.63 -16.34 -34.45
N PRO A 34 6.51 -17.37 -35.30
CA PRO A 34 5.78 -17.17 -36.55
C PRO A 34 4.26 -17.02 -36.43
N ASN A 35 3.69 -17.37 -35.28
CA ASN A 35 2.24 -17.26 -35.06
C ASN A 35 1.69 -15.85 -34.78
N TRP A 36 2.56 -14.84 -34.80
CA TRP A 36 2.11 -13.44 -34.75
C TRP A 36 3.08 -12.50 -35.47
N SER A 37 2.70 -11.23 -35.53
CA SER A 37 3.48 -10.19 -36.20
C SER A 37 3.28 -8.89 -35.43
N VAL A 38 4.34 -8.46 -34.75
CA VAL A 38 4.29 -7.29 -33.88
C VAL A 38 4.81 -6.06 -34.63
N ASP A 39 4.22 -4.90 -34.35
CA ASP A 39 4.73 -3.61 -34.82
C ASP A 39 5.83 -3.19 -33.83
N GLY A 40 7.08 -3.42 -34.22
CA GLY A 40 8.22 -3.21 -33.33
C GLY A 40 8.46 -1.77 -32.91
N VAL A 41 8.23 -0.84 -33.83
CA VAL A 41 8.38 0.59 -33.53
C VAL A 41 7.31 1.03 -32.53
N HIS A 42 6.06 0.61 -32.75
CA HIS A 42 4.97 0.88 -31.82
C HIS A 42 5.28 0.31 -30.42
N ALA A 43 5.67 -0.97 -30.38
CA ALA A 43 5.93 -1.66 -29.12
C ALA A 43 7.07 -1.02 -28.31
N ILE A 44 8.17 -0.70 -28.99
CA ILE A 44 9.31 -0.08 -28.30
C ILE A 44 8.99 1.34 -27.80
N ASN A 45 8.16 2.08 -28.54
CA ASN A 45 7.73 3.42 -28.09
C ASN A 45 6.79 3.38 -26.89
N VAL A 46 5.93 2.36 -26.81
CA VAL A 46 5.09 2.17 -25.62
C VAL A 46 5.98 1.96 -24.39
N TYR A 47 7.01 1.14 -24.55
CA TYR A 47 8.00 0.90 -23.49
C TYR A 47 8.77 2.18 -23.13
N LYS A 48 9.41 2.79 -24.13
CA LYS A 48 10.26 3.98 -23.91
C LYS A 48 9.51 5.17 -23.32
N ASN A 49 8.33 5.44 -23.86
CA ASN A 49 7.52 6.62 -23.48
C ASN A 49 6.46 6.32 -22.41
N ARG A 50 6.39 5.08 -21.93
CA ARG A 50 5.43 4.66 -20.90
C ARG A 50 3.99 5.00 -21.30
N GLU A 51 3.60 4.55 -22.49
CA GLU A 51 2.29 4.87 -23.04
C GLU A 51 1.19 4.05 -22.35
N PRO A 52 -0.07 4.53 -22.37
CA PRO A 52 -1.14 3.85 -21.63
C PRO A 52 -1.71 2.58 -22.26
N SER A 53 -1.38 2.27 -23.50
CA SER A 53 -1.83 1.03 -24.12
C SER A 53 -0.86 0.57 -25.21
N ILE A 54 -0.92 -0.72 -25.51
CA ILE A 54 -0.18 -1.33 -26.62
C ILE A 54 -1.19 -2.14 -27.45
N ILE A 55 -1.10 -2.00 -28.77
CA ILE A 55 -2.02 -2.66 -29.69
C ILE A 55 -1.19 -3.62 -30.52
N ILE A 56 -1.53 -4.90 -30.44
CA ILE A 56 -0.88 -5.93 -31.24
C ILE A 56 -1.98 -6.69 -31.98
N GLN A 57 -1.96 -6.59 -33.31
CA GLN A 57 -2.90 -7.29 -34.19
C GLN A 57 -4.37 -7.01 -33.83
N GLY A 58 -4.69 -5.73 -33.70
CA GLY A 58 -6.05 -5.29 -33.42
C GLY A 58 -6.59 -5.51 -32.02
N VAL A 59 -5.73 -5.95 -31.09
CA VAL A 59 -6.12 -6.16 -29.69
C VAL A 59 -5.42 -5.10 -28.86
N LYS A 60 -6.21 -4.33 -28.11
CA LYS A 60 -5.72 -3.29 -27.22
C LYS A 60 -5.41 -3.92 -25.86
N TYR A 61 -4.16 -3.77 -25.41
CA TYR A 61 -3.76 -4.20 -24.08
C TYR A 61 -3.47 -2.95 -23.25
N SER A 62 -4.22 -2.77 -22.17
CA SER A 62 -4.04 -1.63 -21.28
CA SER A 62 -4.06 -1.64 -21.25
C SER A 62 -2.77 -1.79 -20.45
N VAL A 63 -1.89 -0.80 -20.49
CA VAL A 63 -0.62 -0.84 -19.74
C VAL A 63 -0.90 -0.60 -18.27
N ILE A 64 -0.66 -1.60 -17.44
CA ILE A 64 -0.90 -1.52 -15.99
C ILE A 64 0.38 -1.44 -15.16
N ASP A 65 1.53 -1.68 -15.77
CA ASP A 65 2.83 -1.52 -15.13
C ASP A 65 3.87 -1.32 -16.21
N VAL A 66 4.66 -0.26 -16.11
CA VAL A 66 5.72 -0.01 -17.08
C VAL A 66 6.85 0.80 -16.46
N ASN A 67 8.07 0.37 -16.73
CA ASN A 67 9.27 1.04 -16.24
C ASN A 67 10.47 0.57 -17.08
N GLU A 68 11.68 0.93 -16.67
CA GLU A 68 12.89 0.59 -17.43
C GLU A 68 13.12 -0.90 -17.63
N ASP A 69 12.62 -1.73 -16.71
CA ASP A 69 12.90 -3.16 -16.71
C ASP A 69 11.69 -4.06 -17.00
N ARG A 70 10.49 -3.48 -17.08
CA ARG A 70 9.27 -4.30 -17.12
C ARG A 70 8.13 -3.61 -17.86
N LEU A 71 7.36 -4.40 -18.60
CA LEU A 71 6.07 -3.97 -19.18
C LEU A 71 5.04 -5.04 -18.86
N ILE A 72 3.91 -4.64 -18.27
CA ILE A 72 2.75 -5.51 -18.09
C ILE A 72 1.54 -4.82 -18.68
N ALA A 73 0.89 -5.45 -19.64
CA ALA A 73 -0.33 -4.92 -20.24
C ALA A 73 -1.36 -6.03 -20.34
N THR A 74 -2.62 -5.67 -20.14
CA THR A 74 -3.72 -6.64 -20.11
C THR A 74 -4.89 -6.13 -20.92
N ASN A 75 -5.44 -7.00 -21.76
CA ASN A 75 -6.68 -6.69 -22.45
C ASN A 75 -7.81 -6.84 -21.43
N VAL A 76 -8.50 -5.73 -21.17
CA VAL A 76 -9.53 -5.66 -20.13
C VAL A 76 -10.73 -6.57 -20.47
N GLY A 77 -10.98 -6.77 -21.77
CA GLY A 77 -12.04 -7.67 -22.21
C GLY A 77 -11.74 -9.16 -22.11
N GLY A 78 -10.52 -9.53 -21.70
CA GLY A 78 -10.17 -10.92 -21.40
C GLY A 78 -9.38 -11.66 -22.47
N GLN A 79 -8.76 -10.94 -23.40
CA GLN A 79 -8.01 -11.55 -24.51
C GLN A 79 -6.52 -11.82 -24.24
N GLY A 80 -6.07 -11.56 -23.01
CA GLY A 80 -4.70 -11.93 -22.61
C GLY A 80 -3.84 -10.77 -22.17
N HIS A 81 -2.55 -11.05 -22.05
CA HIS A 81 -1.56 -10.08 -21.57
C HIS A 81 -0.36 -10.01 -22.51
N ILE A 82 0.30 -8.85 -22.48
CA ILE A 82 1.62 -8.68 -23.07
C ILE A 82 2.56 -8.39 -21.91
N VAL A 83 3.63 -9.17 -21.80
CA VAL A 83 4.62 -9.05 -20.73
C VAL A 83 5.99 -8.86 -21.35
N GLY A 84 6.68 -7.80 -20.93
CA GLY A 84 7.99 -7.44 -21.47
C GLY A 84 9.06 -7.35 -20.41
N ALA A 85 10.26 -7.78 -20.79
CA ALA A 85 11.48 -7.56 -20.01
C ALA A 85 12.58 -7.07 -20.94
N VAL A 86 13.63 -6.51 -20.38
CA VAL A 86 14.68 -5.87 -21.19
C VAL A 86 15.99 -6.62 -21.05
N ALA A 87 16.64 -6.87 -22.19
CA ALA A 87 17.89 -7.63 -22.24
C ALA A 87 19.08 -6.67 -22.24
N GLY A 88 19.55 -6.34 -21.03
CA GLY A 88 20.73 -5.47 -20.84
C GLY A 88 20.68 -4.12 -21.54
N GLY A 89 19.51 -3.51 -21.57
CA GLY A 89 19.28 -2.24 -22.27
C GLY A 89 19.43 -2.25 -23.78
N LYS A 90 19.54 -3.44 -24.39
CA LYS A 90 19.77 -3.59 -25.83
C LYS A 90 18.51 -3.95 -26.60
N ALA A 91 17.64 -4.77 -26.00
CA ALA A 91 16.40 -5.20 -26.66
C ALA A 91 15.27 -5.41 -25.67
N LEU A 92 14.05 -5.28 -26.16
CA LEU A 92 12.83 -5.59 -25.42
C LEU A 92 12.36 -6.97 -25.86
N LEU A 93 12.22 -7.89 -24.89
CA LEU A 93 11.66 -9.21 -25.13
C LEU A 93 10.23 -9.19 -24.62
N ILE A 94 9.27 -9.36 -25.53
CA ILE A 94 7.85 -9.44 -25.15
C ILE A 94 7.29 -10.83 -25.37
N GLY A 95 6.33 -11.20 -24.52
CA GLY A 95 5.59 -12.44 -24.66
C GLY A 95 4.10 -12.20 -24.56
N TYR A 96 3.33 -12.90 -25.38
CA TYR A 96 1.88 -12.99 -25.17
C TYR A 96 1.61 -14.04 -24.10
N VAL A 97 0.75 -13.68 -23.14
CA VAL A 97 0.35 -14.60 -22.06
C VAL A 97 -1.17 -14.78 -22.11
N SER A 98 -1.60 -16.05 -22.05
CA SER A 98 -3.02 -16.42 -21.97
C SER A 98 -3.74 -15.66 -20.84
N PRO A 99 -5.03 -15.31 -21.02
CA PRO A 99 -5.73 -14.53 -19.98
C PRO A 99 -5.74 -15.16 -18.58
N ASN A 100 -5.89 -16.48 -18.53
CA ASN A 100 -5.83 -17.24 -17.27
C ASN A 100 -4.43 -17.33 -16.65
N GLY A 101 -3.38 -17.12 -17.44
CA GLY A 101 -2.01 -17.09 -16.93
C GLY A 101 -1.71 -15.84 -16.10
N ASP A 102 -0.85 -15.99 -15.09
CA ASP A 102 -0.45 -14.86 -14.24
C ASP A 102 0.73 -14.17 -14.92
N ALA A 103 0.53 -12.89 -15.25
CA ALA A 103 1.58 -12.08 -15.87
C ALA A 103 2.81 -11.95 -14.97
N ARG A 104 2.64 -12.06 -13.65
CA ARG A 104 3.78 -11.95 -12.72
C ARG A 104 4.77 -13.09 -12.89
N THR A 105 4.27 -14.31 -12.91
CA THR A 105 5.17 -15.47 -13.09
C THR A 105 5.71 -15.53 -14.52
N ALA A 106 4.90 -15.12 -15.50
CA ALA A 106 5.38 -14.98 -16.88
C ALA A 106 6.53 -13.98 -16.96
N TYR A 107 6.40 -12.84 -16.25
CA TYR A 107 7.48 -11.85 -16.21
C TYR A 107 8.78 -12.45 -15.66
N ILE A 108 8.67 -13.25 -14.61
CA ILE A 108 9.87 -13.89 -14.03
C ILE A 108 10.59 -14.74 -15.09
N GLN A 109 9.83 -15.53 -15.84
CA GLN A 109 10.41 -16.39 -16.89
CA GLN A 109 10.40 -16.38 -16.91
C GLN A 109 10.97 -15.55 -18.05
N ILE A 110 10.22 -14.52 -18.46
CA ILE A 110 10.64 -13.66 -19.58
C ILE A 110 11.89 -12.85 -19.21
N ASP A 111 11.94 -12.35 -17.97
CA ASP A 111 13.12 -11.64 -17.48
C ASP A 111 14.35 -12.55 -17.41
N LYS A 112 14.15 -13.80 -16.97
CA LYS A 112 15.24 -14.79 -16.94
CA LYS A 112 15.24 -14.79 -16.94
C LYS A 112 15.81 -14.98 -18.35
N THR A 113 14.93 -15.14 -19.33
CA THR A 113 15.36 -15.30 -20.72
C THR A 113 16.00 -14.02 -21.27
N ALA A 114 15.47 -12.86 -20.91
CA ALA A 114 16.07 -11.57 -21.29
C ALA A 114 17.50 -11.43 -20.78
N ARG A 115 17.75 -11.90 -19.55
CA ARG A 115 19.09 -11.89 -18.96
CA ARG A 115 19.09 -11.88 -18.97
C ARG A 115 20.06 -12.77 -19.76
N GLN A 116 19.56 -13.91 -20.24
CA GLN A 116 20.35 -14.80 -21.11
CA GLN A 116 20.35 -14.80 -21.11
C GLN A 116 20.59 -14.17 -22.48
N LEU A 117 19.54 -13.56 -23.06
CA LEU A 117 19.63 -12.89 -24.36
C LEU A 117 20.67 -11.76 -24.38
N SER A 118 20.79 -11.04 -23.28
CA SER A 118 21.76 -9.95 -23.13
C SER A 118 23.19 -10.35 -23.50
N LYS A 119 23.56 -11.59 -23.16
CA LYS A 119 24.90 -12.11 -23.40
C LYS A 119 25.22 -12.43 -24.87
N ILE A 120 24.19 -12.67 -25.68
CA ILE A 120 24.37 -12.94 -27.13
C ILE A 120 23.99 -11.75 -28.05
N LEU A 121 23.54 -10.63 -27.46
CA LEU A 121 23.30 -9.39 -28.22
C LEU A 121 24.50 -8.44 -28.11
N ASP B 1 4.80 -23.97 13.83
CA ASP B 1 5.98 -24.43 13.03
C ASP B 1 7.23 -23.60 13.37
N GLU B 2 8.39 -24.22 13.18
CA GLU B 2 9.68 -23.61 13.50
C GLU B 2 10.05 -22.43 12.58
N THR B 3 9.51 -22.42 11.36
CA THR B 3 9.94 -21.48 10.32
C THR B 3 8.79 -20.74 9.63
N THR B 4 7.63 -20.66 10.30
CA THR B 4 6.44 -19.98 9.77
C THR B 4 6.80 -18.58 9.28
N ALA B 5 6.24 -18.18 8.14
CA ALA B 5 6.48 -16.85 7.62
C ALA B 5 5.89 -15.79 8.56
N LEU B 6 6.56 -14.63 8.61
CA LEU B 6 6.12 -13.50 9.42
C LEU B 6 5.49 -12.45 8.51
N VAL B 7 4.55 -11.68 9.07
CA VAL B 7 3.91 -10.56 8.40
C VAL B 7 4.03 -9.34 9.29
N CYS B 8 4.70 -8.30 8.78
CA CYS B 8 4.85 -7.03 9.49
CA CYS B 8 4.87 -7.02 9.48
C CYS B 8 4.29 -5.92 8.63
N ASP B 9 3.29 -5.20 9.16
CA ASP B 9 2.66 -4.08 8.49
C ASP B 9 3.01 -2.81 9.26
N ASN B 10 3.96 -2.05 8.75
CA ASN B 10 4.46 -0.86 9.44
C ASN B 10 3.69 0.38 9.03
N GLY B 11 3.00 0.97 10.00
CA GLY B 11 2.26 2.21 9.79
C GLY B 11 2.91 3.39 10.48
N SER B 12 2.42 4.58 10.14
CA SER B 12 2.87 5.83 10.76
C SER B 12 2.64 5.85 12.27
N GLY B 13 1.51 5.30 12.69
CA GLY B 13 1.12 5.25 14.11
C GLY B 13 1.30 3.90 14.77
N LEU B 14 0.92 2.83 14.08
CA LEU B 14 0.91 1.50 14.67
C LEU B 14 1.61 0.47 13.81
N VAL B 15 2.37 -0.41 14.48
CA VAL B 15 2.92 -1.61 13.88
C VAL B 15 1.92 -2.72 14.10
N LYS B 16 1.62 -3.47 13.04
CA LYS B 16 0.81 -4.69 13.13
C LYS B 16 1.70 -5.82 12.70
N ALA B 17 1.93 -6.78 13.59
CA ALA B 17 2.87 -7.87 13.32
C ALA B 17 2.32 -9.22 13.78
N GLY B 18 2.75 -10.27 13.10
CA GLY B 18 2.30 -11.61 13.45
C GLY B 18 2.79 -12.68 12.50
N PHE B 19 2.07 -13.79 12.47
CA PHE B 19 2.49 -14.97 11.72
C PHE B 19 1.54 -15.26 10.57
N ALA B 20 2.10 -15.54 9.40
CA ALA B 20 1.32 -15.90 8.23
C ALA B 20 0.42 -17.09 8.56
N GLY B 21 -0.83 -17.01 8.12
CA GLY B 21 -1.84 -18.04 8.40
C GLY B 21 -2.73 -17.73 9.58
N ASP B 22 -2.31 -16.82 10.47
CA ASP B 22 -3.16 -16.35 11.55
C ASP B 22 -4.22 -15.37 11.02
N ASP B 23 -5.36 -15.35 11.72
CA ASP B 23 -6.50 -14.51 11.34
C ASP B 23 -6.32 -13.03 11.72
N ALA B 24 -5.44 -12.75 12.68
CA ALA B 24 -5.22 -11.39 13.20
C ALA B 24 -3.76 -11.22 13.60
N PRO B 25 -3.28 -9.97 13.63
CA PRO B 25 -1.89 -9.77 14.09
C PRO B 25 -1.76 -10.08 15.58
N ARG B 26 -0.69 -10.79 15.93
CA ARG B 26 -0.42 -11.18 17.32
CA ARG B 26 -0.45 -11.17 17.32
C ARG B 26 -0.02 -9.96 18.15
N ALA B 27 0.63 -8.99 17.50
CA ALA B 27 1.15 -7.81 18.17
C ALA B 27 0.73 -6.54 17.43
N VAL B 28 0.12 -5.61 18.15
CA VAL B 28 -0.22 -4.29 17.64
C VAL B 28 0.30 -3.29 18.66
N PHE B 29 1.27 -2.46 18.26
CA PHE B 29 1.95 -1.57 19.20
C PHE B 29 2.35 -0.27 18.52
N PRO B 30 2.55 0.80 19.31
CA PRO B 30 2.84 2.10 18.70
C PRO B 30 4.20 2.16 18.00
N SER B 31 4.21 2.79 16.83
CA SER B 31 5.41 2.93 16.03
C SER B 31 6.21 4.14 16.51
N ILE B 32 6.80 3.98 17.69
CA ILE B 32 7.56 5.03 18.35
C ILE B 32 8.86 4.45 18.90
N VAL B 33 9.91 5.27 18.87
CA VAL B 33 11.18 4.94 19.48
C VAL B 33 11.52 6.04 20.46
N GLY B 34 11.82 5.63 21.70
CA GLY B 34 12.22 6.54 22.76
C GLY B 34 13.69 6.36 23.08
N ARG B 35 14.41 7.48 23.15
CA ARG B 35 15.83 7.50 23.53
C ARG B 35 15.98 8.46 24.70
N PRO B 36 16.93 8.19 25.62
CA PRO B 36 17.11 9.04 26.81
C PRO B 36 17.15 10.53 26.50
N ARG B 37 16.39 11.33 27.27
CA ARG B 37 16.35 12.78 27.09
C ARG B 37 17.73 13.38 27.27
N HIS B 38 18.00 14.45 26.51
CA HIS B 38 19.25 15.22 26.54
CA HIS B 38 19.25 15.22 26.57
C HIS B 38 20.54 14.44 26.21
N GLN B 39 20.39 13.19 25.74
CA GLN B 39 21.55 12.39 25.31
C GLN B 39 21.66 12.27 23.79
N GLY B 40 20.71 12.87 23.06
CA GLY B 40 20.76 12.95 21.59
C GLY B 40 21.90 13.82 21.11
N VAL B 41 22.15 14.91 21.84
CA VAL B 41 23.35 15.75 21.65
C VAL B 41 23.97 15.99 23.03
N MET B 42 25.07 15.29 23.30
CA MET B 42 25.80 15.38 24.57
C MET B 42 27.23 14.92 24.34
N VAL B 43 28.19 15.57 25.00
CA VAL B 43 29.62 15.37 24.69
C VAL B 43 30.07 13.97 25.10
N GLY B 44 30.67 13.26 24.14
CA GLY B 44 31.14 11.88 24.32
C GLY B 44 30.08 10.83 24.54
N MET B 45 28.84 11.13 24.17
CA MET B 45 27.70 10.24 24.46
C MET B 45 27.26 9.51 23.18
N GLY B 46 27.19 8.19 23.26
CA GLY B 46 26.66 7.37 22.18
C GLY B 46 25.17 7.13 22.31
N GLN B 47 24.63 6.32 21.40
CA GLN B 47 23.19 6.03 21.32
C GLN B 47 22.91 4.59 21.73
N LYS B 48 23.40 4.22 22.92
CA LYS B 48 23.39 2.82 23.35
C LYS B 48 22.01 2.35 23.83
N ASP B 49 21.31 3.21 24.58
CA ASP B 49 19.98 2.89 25.10
C ASP B 49 18.87 3.39 24.18
N SER B 50 17.84 2.56 24.00
CA SER B 50 16.61 2.96 23.31
C SER B 50 15.47 2.04 23.73
N TYR B 51 14.24 2.53 23.57
CA TYR B 51 13.04 1.77 23.88
C TYR B 51 12.06 1.93 22.75
N VAL B 52 11.23 0.90 22.55
CA VAL B 52 10.30 0.85 21.43
C VAL B 52 8.90 0.56 21.92
N GLY B 53 7.91 1.15 21.25
CA GLY B 53 6.52 0.79 21.45
C GLY B 53 5.98 1.15 22.82
N ASP B 54 5.26 0.21 23.43
CA ASP B 54 4.60 0.49 24.71
C ASP B 54 5.58 0.78 25.85
N GLU B 55 6.75 0.15 25.82
CA GLU B 55 7.78 0.42 26.83
C GLU B 55 8.32 1.85 26.72
N ALA B 56 8.47 2.35 25.49
CA ALA B 56 8.89 3.73 25.28
C ALA B 56 7.89 4.70 25.88
N GLN B 57 6.60 4.46 25.66
CA GLN B 57 5.55 5.28 26.21
C GLN B 57 5.48 5.22 27.73
N SER B 58 5.68 4.04 28.31
CA SER B 58 5.70 3.87 29.77
CA SER B 58 5.71 3.86 29.77
C SER B 58 6.82 4.69 30.41
N LYS B 59 7.96 4.78 29.71
CA LYS B 59 9.11 5.56 30.17
C LYS B 59 9.21 6.96 29.52
N ARG B 60 8.08 7.52 29.11
CA ARG B 60 8.04 8.83 28.43
C ARG B 60 8.66 9.99 29.23
N GLY B 61 8.56 9.90 30.56
CA GLY B 61 9.14 10.89 31.47
C GLY B 61 10.66 11.04 31.41
N ILE B 62 11.36 9.98 30.97
CA ILE B 62 12.83 10.01 30.81
C ILE B 62 13.32 9.88 29.35
N LEU B 63 12.40 9.79 28.39
CA LEU B 63 12.74 9.59 26.98
C LEU B 63 12.18 10.71 26.08
N THR B 64 12.84 10.92 24.95
CA THR B 64 12.29 11.70 23.83
C THR B 64 11.74 10.72 22.79
N LEU B 65 10.45 10.85 22.48
CA LEU B 65 9.76 9.93 21.57
C LEU B 65 9.68 10.47 20.14
N LYS B 66 9.94 9.59 19.17
CA LYS B 66 9.88 9.94 17.75
C LYS B 66 9.14 8.87 16.97
N TYR B 67 8.49 9.27 15.88
CA TYR B 67 7.82 8.36 14.93
C TYR B 67 8.75 8.15 13.73
N PRO B 68 9.27 6.92 13.53
CA PRO B 68 10.18 6.71 12.38
C PRO B 68 9.53 6.72 10.99
N ILE B 69 8.21 6.53 10.93
CA ILE B 69 7.46 6.61 9.68
C ILE B 69 6.60 7.86 9.72
N GLU B 70 6.73 8.69 8.69
CA GLU B 70 5.98 9.94 8.56
C GLU B 70 5.15 9.85 7.29
N GLY B 72 3.37 7.51 6.17
CA GLY B 72 3.57 6.20 5.53
C GLY B 72 4.95 5.87 4.99
N ILE B 73 5.86 6.86 5.00
CA ILE B 73 7.21 6.72 4.45
CA ILE B 73 7.21 6.70 4.45
C ILE B 73 8.22 6.64 5.59
N ILE B 74 9.16 5.69 5.49
CA ILE B 74 10.21 5.57 6.49
C ILE B 74 11.15 6.77 6.33
N THR B 75 11.31 7.56 7.39
CA THR B 75 12.20 8.72 7.36
C THR B 75 13.36 8.67 8.35
N ASN B 76 13.28 7.82 9.39
CA ASN B 76 14.38 7.62 10.33
C ASN B 76 14.77 6.15 10.32
N TRP B 77 15.83 5.83 9.57
CA TRP B 77 16.24 4.44 9.37
C TRP B 77 16.87 3.78 10.60
N ASP B 78 17.62 4.52 11.40
CA ASP B 78 18.17 3.98 12.65
C ASP B 78 17.06 3.55 13.61
N ASP B 79 16.07 4.43 13.78
CA ASP B 79 14.92 4.11 14.63
C ASP B 79 14.05 3.02 14.01
N MET B 80 13.93 3.01 12.68
CA MET B 80 13.17 1.94 12.01
C MET B 80 13.80 0.57 12.26
N GLU B 81 15.12 0.50 12.24
CA GLU B 81 15.83 -0.73 12.57
C GLU B 81 15.49 -1.20 13.99
N LYS B 82 15.38 -0.25 14.92
CA LYS B 82 14.97 -0.57 16.30
C LYS B 82 13.54 -1.10 16.35
N ILE B 83 12.63 -0.51 15.57
CA ILE B 83 11.26 -1.02 15.48
C ILE B 83 11.28 -2.48 15.02
N TRP B 84 12.03 -2.77 13.95
CA TRP B 84 12.09 -4.13 13.42
C TRP B 84 12.72 -5.12 14.40
N HIS B 85 13.82 -4.71 15.03
CA HIS B 85 14.46 -5.56 16.03
C HIS B 85 13.49 -5.89 17.16
N HIS B 86 12.81 -4.86 17.66
CA HIS B 86 11.79 -5.02 18.71
C HIS B 86 10.67 -5.96 18.28
N THR B 87 10.21 -5.81 17.04
CA THR B 87 9.17 -6.67 16.50
C THR B 87 9.58 -8.13 16.53
N PHE B 88 10.77 -8.45 16.03
CA PHE B 88 11.24 -9.83 15.97
C PHE B 88 11.48 -10.41 17.37
N TYR B 89 12.31 -9.72 18.14
CA TYR B 89 12.82 -10.27 19.40
C TYR B 89 11.89 -10.12 20.60
N ASN B 90 11.21 -8.97 20.71
CA ASN B 90 10.37 -8.69 21.89
C ASN B 90 8.88 -9.00 21.70
N GLU B 91 8.34 -8.75 20.50
CA GLU B 91 6.90 -8.91 20.26
C GLU B 91 6.56 -10.32 19.76
N LEU B 92 7.23 -10.76 18.71
CA LEU B 92 7.02 -12.09 18.15
C LEU B 92 7.87 -13.20 18.78
N ARG B 93 9.02 -12.81 19.36
N ARG B 93 9.02 -12.81 19.34
CA ARG B 93 9.97 -13.74 19.98
CA ARG B 93 9.96 -13.75 19.99
C ARG B 93 10.43 -14.84 19.02
C ARG B 93 10.44 -14.83 19.02
N VAL B 94 11.04 -14.38 17.93
CA VAL B 94 11.59 -15.26 16.90
C VAL B 94 13.03 -14.86 16.59
N ALA B 95 13.74 -15.78 15.95
CA ALA B 95 15.03 -15.49 15.36
C ALA B 95 14.76 -15.13 13.89
N PRO B 96 14.97 -13.87 13.50
CA PRO B 96 14.59 -13.48 12.12
C PRO B 96 15.27 -14.30 11.02
N GLU B 97 16.48 -14.79 11.28
CA GLU B 97 17.19 -15.65 10.33
C GLU B 97 16.50 -16.98 10.03
N GLU B 98 15.46 -17.33 10.79
CA GLU B 98 14.72 -18.58 10.59
C GLU B 98 13.34 -18.41 9.97
N HIS B 99 12.95 -17.18 9.61
CA HIS B 99 11.59 -16.94 9.09
C HIS B 99 11.56 -16.03 7.87
N PRO B 100 10.98 -16.51 6.76
CA PRO B 100 10.63 -15.57 5.68
C PRO B 100 9.76 -14.44 6.21
N THR B 101 10.03 -13.21 5.78
CA THR B 101 9.33 -12.04 6.33
C THR B 101 8.69 -11.22 5.22
N LEU B 102 7.37 -11.10 5.28
CA LEU B 102 6.63 -10.23 4.36
C LEU B 102 6.40 -8.90 5.05
N LEU B 103 6.76 -7.82 4.36
CA LEU B 103 6.58 -6.45 4.85
C LEU B 103 5.65 -5.69 3.92
N THR B 104 5.24 -4.50 4.36
CA THR B 104 4.35 -3.67 3.59
C THR B 104 4.93 -2.29 3.36
N GLU B 105 4.41 -1.59 2.37
CA GLU B 105 4.87 -0.26 2.03
C GLU B 105 3.74 0.58 1.44
N ALA B 106 3.94 1.89 1.46
CA ALA B 106 3.01 2.80 0.80
C ALA B 106 3.16 2.72 -0.72
N PRO B 107 2.09 3.05 -1.49
CA PRO B 107 2.30 3.20 -2.92
C PRO B 107 3.24 4.38 -3.18
N LEU B 108 3.96 4.32 -4.29
CA LEU B 108 4.93 5.35 -4.69
C LEU B 108 6.11 5.48 -3.73
N ASN B 109 6.36 4.44 -2.93
CA ASN B 109 7.50 4.41 -2.02
C ASN B 109 8.77 4.54 -2.88
N PRO B 110 9.66 5.50 -2.55
CA PRO B 110 10.81 5.66 -3.44
C PRO B 110 11.73 4.46 -3.52
N LYS B 111 12.37 4.32 -4.68
CA LYS B 111 13.29 3.22 -4.96
CA LYS B 111 13.30 3.22 -4.97
C LYS B 111 14.33 3.03 -3.85
N ALA B 112 14.94 4.13 -3.43
CA ALA B 112 15.96 4.04 -2.37
C ALA B 112 15.43 3.40 -1.09
N ASN B 113 14.17 3.71 -0.76
CA ASN B 113 13.53 3.19 0.46
C ASN B 113 13.23 1.70 0.34
N ARG B 114 12.81 1.29 -0.85
CA ARG B 114 12.51 -0.12 -1.12
C ARG B 114 13.78 -0.96 -1.04
N GLU B 115 14.85 -0.45 -1.64
CA GLU B 115 16.15 -1.11 -1.60
C GLU B 115 16.72 -1.15 -0.19
N LYS B 116 16.54 -0.07 0.57
CA LYS B 116 17.09 -0.01 1.93
C LYS B 116 16.39 -1.00 2.87
N MET B 117 15.06 -1.10 2.77
CA MET B 117 14.32 -2.13 3.51
C MET B 117 14.88 -3.52 3.21
N THR B 118 15.05 -3.81 1.93
CA THR B 118 15.55 -5.10 1.47
C THR B 118 16.96 -5.36 2.00
N GLN B 119 17.83 -4.37 1.86
CA GLN B 119 19.20 -4.47 2.36
C GLN B 119 19.24 -4.76 3.86
N ILE B 120 18.47 -4.02 4.64
CA ILE B 120 18.43 -4.19 6.08
C ILE B 120 17.94 -5.59 6.43
N MET B 121 16.88 -6.06 5.78
CA MET B 121 16.36 -7.39 6.09
C MET B 121 17.37 -8.50 5.82
N PHE B 122 18.09 -8.42 4.71
CA PHE B 122 19.07 -9.46 4.38
C PHE B 122 20.41 -9.28 5.09
N GLU B 123 20.94 -8.06 5.10
CA GLU B 123 22.29 -7.84 5.64
C GLU B 123 22.34 -7.68 7.15
N THR B 124 21.30 -7.08 7.75
CA THR B 124 21.26 -6.85 9.20
C THR B 124 20.53 -7.98 9.91
N PHE B 125 19.32 -8.32 9.45
CA PHE B 125 18.53 -9.35 10.13
C PHE B 125 18.75 -10.76 9.58
N ASN B 126 19.42 -10.88 8.44
CA ASN B 126 19.75 -12.19 7.83
C ASN B 126 18.50 -13.06 7.61
N VAL B 127 17.39 -12.45 7.21
CA VAL B 127 16.19 -13.24 6.90
C VAL B 127 16.49 -14.20 5.74
N PRO B 128 15.87 -15.38 5.75
CA PRO B 128 16.10 -16.32 4.65
C PRO B 128 15.40 -15.90 3.37
N ALA B 129 14.33 -15.12 3.51
CA ALA B 129 13.54 -14.66 2.39
C ALA B 129 12.73 -13.45 2.81
N MET B 130 12.37 -12.61 1.83
CA MET B 130 11.64 -11.38 2.09
C MET B 130 10.72 -11.07 0.93
N TYR B 131 9.65 -10.34 1.22
CA TYR B 131 8.77 -9.78 0.19
C TYR B 131 8.19 -8.50 0.72
N VAL B 132 7.90 -7.54 -0.16
CA VAL B 132 7.19 -6.33 0.23
C VAL B 132 6.03 -6.08 -0.72
N ALA B 133 4.88 -5.72 -0.15
CA ALA B 133 3.69 -5.42 -0.94
C ALA B 133 3.13 -4.07 -0.57
N ILE B 134 2.47 -3.43 -1.53
CA ILE B 134 1.76 -2.18 -1.29
C ILE B 134 0.57 -2.45 -0.36
N GLN B 135 0.44 -1.62 0.67
CA GLN B 135 -0.59 -1.79 1.71
C GLN B 135 -2.00 -1.90 1.12
N ALA B 136 -2.39 -0.96 0.26
CA ALA B 136 -3.72 -1.01 -0.37
C ALA B 136 -3.96 -2.28 -1.20
N VAL B 137 -2.92 -2.80 -1.83
CA VAL B 137 -3.02 -4.01 -2.63
C VAL B 137 -3.38 -5.20 -1.71
N LEU B 138 -2.74 -5.26 -0.56
CA LEU B 138 -3.04 -6.28 0.45
C LEU B 138 -4.47 -6.19 1.00
N SER B 139 -4.91 -4.98 1.33
N SER B 139 -4.93 -4.98 1.34
CA SER B 139 -6.28 -4.76 1.80
CA SER B 139 -6.29 -4.84 1.85
C SER B 139 -7.30 -5.19 0.77
C SER B 139 -7.36 -5.14 0.78
N LEU B 140 -7.08 -4.82 -0.48
CA LEU B 140 -7.97 -5.21 -1.57
C LEU B 140 -8.04 -6.74 -1.64
N TYR B 141 -6.88 -7.39 -1.64
CA TYR B 141 -6.81 -8.85 -1.69
C TYR B 141 -7.53 -9.50 -0.50
N ALA B 142 -7.42 -8.91 0.68
CA ALA B 142 -8.12 -9.40 1.87
C ALA B 142 -9.64 -9.41 1.69
N SER B 143 -10.16 -8.47 0.90
CA SER B 143 -11.60 -8.38 0.62
CA SER B 143 -11.60 -8.37 0.61
C SER B 143 -12.10 -9.42 -0.39
N GLY B 144 -11.18 -10.22 -0.96
CA GLY B 144 -11.53 -11.28 -1.90
C GLY B 144 -11.53 -10.89 -3.37
N ARG B 145 -10.80 -9.82 -3.72
CA ARG B 145 -10.74 -9.38 -5.11
C ARG B 145 -9.39 -8.76 -5.40
N THR B 146 -9.10 -8.59 -6.68
CA THR B 146 -7.84 -7.98 -7.12
C THR B 146 -8.04 -6.75 -8.00
N THR B 147 -9.30 -6.37 -8.24
CA THR B 147 -9.62 -5.13 -8.93
C THR B 147 -10.59 -4.31 -8.10
N GLY B 148 -10.27 -3.03 -7.94
CA GLY B 148 -11.07 -2.12 -7.14
C GLY B 148 -10.28 -0.88 -6.82
N ILE B 149 -10.92 0.09 -6.16
CA ILE B 149 -10.23 1.29 -5.71
C ILE B 149 -10.30 1.34 -4.19
N VAL B 150 -9.14 1.42 -3.57
CA VAL B 150 -9.04 1.40 -2.12
C VAL B 150 -8.95 2.83 -1.61
N LEU B 151 -9.76 3.13 -0.58
CA LEU B 151 -9.53 4.29 0.28
C LEU B 151 -8.80 3.76 1.50
N ASP B 152 -7.51 4.06 1.60
CA ASP B 152 -6.67 3.60 2.71
C ASP B 152 -6.35 4.82 3.56
N SER B 153 -6.83 4.85 4.82
CA SER B 153 -6.64 6.01 5.68
C SER B 153 -6.28 5.57 7.09
N GLY B 154 -5.09 5.98 7.55
CA GLY B 154 -4.55 5.56 8.82
C GLY B 154 -4.34 6.73 9.76
N ASP B 155 -3.19 6.73 10.42
CA ASP B 155 -2.83 7.79 11.37
C ASP B 155 -2.11 8.97 10.71
N GLY B 156 -1.32 8.68 9.68
CA GLY B 156 -0.46 9.68 9.03
C GLY B 156 -0.78 10.06 7.60
N VAL B 157 -1.42 9.17 6.85
CA VAL B 157 -1.65 9.42 5.43
C VAL B 157 -2.94 8.75 4.96
N THR B 158 -3.53 9.34 3.92
CA THR B 158 -4.69 8.78 3.23
C THR B 158 -4.31 8.62 1.78
N HIS B 159 -4.67 7.47 1.18
CA HIS B 159 -4.50 7.26 -0.24
C HIS B 159 -5.78 6.82 -0.92
N ASN B 160 -5.96 7.27 -2.16
CA ASN B 160 -6.86 6.62 -3.11
C ASN B 160 -5.97 5.77 -4.02
N VAL B 161 -6.19 4.46 -4.05
CA VAL B 161 -5.35 3.54 -4.81
C VAL B 161 -6.21 2.66 -5.73
N PRO B 162 -6.29 3.01 -7.03
CA PRO B 162 -7.00 2.18 -7.99
C PRO B 162 -6.12 1.03 -8.44
N ILE B 163 -6.67 -0.18 -8.43
CA ILE B 163 -5.89 -1.41 -8.61
C ILE B 163 -6.60 -2.32 -9.62
N TYR B 164 -5.83 -2.89 -10.54
CA TYR B 164 -6.35 -3.85 -11.51
C TYR B 164 -5.44 -5.07 -11.49
N GLU B 165 -6.01 -6.25 -11.24
CA GLU B 165 -5.25 -7.50 -11.11
C GLU B 165 -4.06 -7.38 -10.14
N GLY B 166 -4.27 -6.62 -9.06
CA GLY B 166 -3.23 -6.41 -8.04
C GLY B 166 -2.17 -5.36 -8.32
N TYR B 167 -2.23 -4.69 -9.48
CA TYR B 167 -1.31 -3.63 -9.85
C TYR B 167 -1.94 -2.29 -9.54
N ALA B 168 -1.26 -1.45 -8.75
CA ALA B 168 -1.70 -0.07 -8.52
C ALA B 168 -1.47 0.70 -9.82
N LEU B 169 -2.51 1.34 -10.33
CA LEU B 169 -2.51 1.80 -11.72
C LEU B 169 -1.67 3.06 -11.95
N PRO B 170 -0.94 3.12 -13.10
CA PRO B 170 -0.07 4.25 -13.39
C PRO B 170 -0.76 5.59 -13.34
N HIS B 171 -0.12 6.56 -12.68
CA HIS B 171 -0.55 7.97 -12.65
C HIS B 171 -1.81 8.27 -11.84
N ALA B 172 -2.48 7.25 -11.29
CA ALA B 172 -3.82 7.42 -10.73
C ALA B 172 -3.86 7.39 -9.20
N ILE B 173 -2.72 7.15 -8.56
CA ILE B 173 -2.67 7.08 -7.11
C ILE B 173 -2.67 8.51 -6.55
N MET B 174 -3.44 8.70 -5.48
N MET B 174 -3.49 8.76 -5.53
CA MET B 174 -3.55 9.99 -4.81
CA MET B 174 -3.49 10.05 -4.85
C MET B 174 -3.09 9.84 -3.37
C MET B 174 -3.12 9.87 -3.39
N ARG B 175 -2.24 10.76 -2.92
CA ARG B 175 -1.80 10.83 -1.54
C ARG B 175 -2.35 12.12 -0.94
N LEU B 176 -2.90 12.01 0.25
CA LEU B 176 -3.36 13.17 1.00
C LEU B 176 -2.78 13.06 2.40
N ASP B 177 -1.98 14.03 2.82
CA ASP B 177 -1.42 14.05 4.18
C ASP B 177 -2.43 14.65 5.16
N LEU B 178 -3.56 13.96 5.26
CA LEU B 178 -4.64 14.27 6.19
CA LEU B 178 -4.65 14.27 6.18
C LEU B 178 -5.20 12.93 6.63
N ALA B 179 -5.01 12.59 7.90
CA ALA B 179 -5.42 11.31 8.41
C ALA B 179 -5.72 11.41 9.90
N GLY B 180 -5.69 10.29 10.62
CA GLY B 180 -6.20 10.24 11.99
C GLY B 180 -5.57 11.19 12.98
N ARG B 181 -4.26 11.39 12.91
CA ARG B 181 -3.57 12.28 13.85
C ARG B 181 -4.01 13.73 13.64
N ASP B 182 -4.20 14.13 12.39
CA ASP B 182 -4.72 15.47 12.08
C ASP B 182 -6.14 15.65 12.57
N LEU B 183 -6.97 14.61 12.44
CA LEU B 183 -8.34 14.66 12.93
C LEU B 183 -8.39 14.80 14.45
N THR B 184 -7.50 14.09 15.15
CA THR B 184 -7.38 14.24 16.61
C THR B 184 -6.99 15.69 16.96
N ASP B 185 -5.99 16.21 16.28
CA ASP B 185 -5.55 17.60 16.51
C ASP B 185 -6.67 18.60 16.26
N TYR B 186 -7.45 18.37 15.21
CA TYR B 186 -8.58 19.23 14.90
C TYR B 186 -9.67 19.15 15.97
N LEU B 187 -9.92 17.94 16.47
CA LEU B 187 -10.91 17.77 17.55
C LEU B 187 -10.48 18.52 18.81
N MET B 188 -9.19 18.50 19.14
CA MET B 188 -8.66 19.31 20.26
C MET B 188 -8.98 20.79 20.06
N LYS B 189 -8.74 21.27 18.84
CA LYS B 189 -8.99 22.66 18.47
C LYS B 189 -10.46 23.05 18.64
N ILE B 190 -11.36 22.31 18.00
CA ILE B 190 -12.80 22.69 18.04
C ILE B 190 -13.44 22.50 19.43
N LEU B 191 -12.90 21.58 20.24
CA LEU B 191 -13.37 21.47 21.62
C LEU B 191 -13.04 22.71 22.46
N THR B 192 -12.03 23.48 22.06
CA THR B 192 -11.76 24.78 22.68
C THR B 192 -12.92 25.78 22.53
N GLU B 193 -13.65 25.71 21.41
CA GLU B 193 -14.83 26.57 21.18
C GLU B 193 -15.97 26.29 22.17
N ARG B 194 -16.04 25.04 22.64
CA ARG B 194 -17.00 24.60 23.66
C ARG B 194 -16.58 24.93 25.10
N GLY B 195 -15.36 25.44 25.29
CA GLY B 195 -14.84 25.80 26.61
C GLY B 195 -13.99 24.73 27.26
N TYR B 196 -13.35 23.88 26.45
CA TYR B 196 -12.42 22.88 26.96
C TYR B 196 -10.99 23.24 26.56
N SER B 197 -10.03 22.60 27.21
CA SER B 197 -8.63 23.02 27.11
C SER B 197 -7.72 21.81 26.92
N PHE B 198 -7.93 21.10 25.82
CA PHE B 198 -7.05 19.99 25.42
C PHE B 198 -5.88 20.54 24.60
N VAL B 199 -4.67 20.39 25.15
CA VAL B 199 -3.44 20.99 24.61
C VAL B 199 -2.23 20.04 24.62
N THR B 200 -1.96 19.40 25.75
CA THR B 200 -0.74 18.63 25.95
C THR B 200 -0.77 17.30 25.21
N THR B 201 0.40 16.64 25.16
CA THR B 201 0.53 15.32 24.54
C THR B 201 -0.36 14.27 25.21
N ALA B 202 -0.42 14.29 26.53
CA ALA B 202 -1.30 13.40 27.29
C ALA B 202 -2.76 13.69 26.99
N GLU B 203 -3.10 14.98 26.90
CA GLU B 203 -4.45 15.41 26.53
C GLU B 203 -4.80 15.03 25.08
N ARG B 204 -3.83 15.08 24.19
CA ARG B 204 -3.99 14.60 22.80
C ARG B 204 -4.43 13.13 22.75
N GLU B 205 -3.85 12.29 23.61
CA GLU B 205 -4.22 10.87 23.67
C GLU B 205 -5.64 10.66 24.19
N ILE B 206 -6.08 11.50 25.12
CA ILE B 206 -7.46 11.48 25.57
C ILE B 206 -8.38 11.81 24.39
N VAL B 207 -8.03 12.86 23.64
CA VAL B 207 -8.87 13.29 22.51
C VAL B 207 -8.88 12.24 21.40
N ARG B 208 -7.76 11.55 21.19
CA ARG B 208 -7.77 10.40 20.26
C ARG B 208 -8.83 9.39 20.68
N ASP B 209 -8.90 9.08 21.97
CA ASP B 209 -9.91 8.16 22.46
C ASP B 209 -11.34 8.70 22.28
N ILE B 210 -11.55 9.99 22.57
CA ILE B 210 -12.85 10.64 22.33
C ILE B 210 -13.26 10.46 20.86
N LYS B 211 -12.33 10.79 19.96
CA LYS B 211 -12.52 10.64 18.52
C LYS B 211 -12.95 9.23 18.14
N GLU B 212 -12.20 8.24 18.59
CA GLU B 212 -12.48 6.83 18.26
C GLU B 212 -13.81 6.35 18.83
N LYS B 213 -14.17 6.82 20.02
CA LYS B 213 -15.37 6.35 20.72
C LYS B 213 -16.66 7.02 20.26
N LEU B 214 -16.60 8.32 19.98
CA LEU B 214 -17.80 9.15 19.81
C LEU B 214 -17.99 9.84 18.47
N CYS B 215 -16.97 9.92 17.62
CA CYS B 215 -17.12 10.61 16.34
C CYS B 215 -17.84 9.73 15.32
N TYR B 216 -18.50 10.39 14.36
CA TYR B 216 -19.13 9.72 13.24
C TYR B 216 -19.23 10.66 12.05
N VAL B 217 -19.45 10.11 10.86
CA VAL B 217 -19.61 10.91 9.65
C VAL B 217 -21.10 11.13 9.40
N ALA B 218 -21.50 12.40 9.32
CA ALA B 218 -22.88 12.76 9.03
C ALA B 218 -23.21 12.42 7.57
N LEU B 219 -24.42 11.92 7.33
CA LEU B 219 -24.87 11.66 5.96
C LEU B 219 -25.08 12.96 5.20
N ASP B 220 -25.67 13.94 5.86
CA ASP B 220 -25.79 15.31 5.34
C ASP B 220 -25.31 16.27 6.42
N PHE B 221 -24.17 16.92 6.17
CA PHE B 221 -23.50 17.72 7.18
C PHE B 221 -24.32 18.92 7.64
N GLU B 222 -24.88 19.67 6.70
CA GLU B 222 -25.66 20.87 7.05
C GLU B 222 -26.94 20.54 7.82
N ASN B 223 -27.61 19.46 7.43
CA ASN B 223 -28.77 18.95 8.20
C ASN B 223 -28.37 18.53 9.61
N GLU B 224 -27.23 17.86 9.74
CA GLU B 224 -26.74 17.40 11.04
C GLU B 224 -26.39 18.58 11.96
N MET B 225 -25.82 19.64 11.37
CA MET B 225 -25.54 20.87 12.11
C MET B 225 -26.82 21.53 12.64
N ALA B 226 -27.87 21.52 11.82
CA ALA B 226 -29.18 22.05 12.22
C ALA B 226 -29.82 21.25 13.36
N THR B 227 -29.68 19.92 13.32
CA THR B 227 -30.16 19.03 14.38
C THR B 227 -29.42 19.29 15.70
N ALA B 228 -28.10 19.45 15.64
CA ALA B 228 -27.27 19.73 16.82
C ALA B 228 -27.57 21.09 17.46
N ALA B 229 -27.95 22.06 16.64
CA ALA B 229 -28.31 23.40 17.13
C ALA B 229 -29.67 23.44 17.81
N SER B 230 -30.66 22.76 17.22
CA SER B 230 -32.04 22.80 17.70
C SER B 230 -32.31 21.93 18.94
N SER B 231 -31.49 20.91 19.17
CA SER B 231 -31.71 19.93 20.25
C SER B 231 -30.41 19.35 20.80
N SER B 232 -30.52 18.59 21.90
CA SER B 232 -29.40 17.93 22.55
CA SER B 232 -29.38 17.93 22.53
C SER B 232 -29.32 16.43 22.20
N SER B 233 -30.09 15.98 21.21
CA SER B 233 -30.19 14.57 20.84
C SER B 233 -28.87 13.91 20.41
N LEU B 234 -27.97 14.69 19.81
CA LEU B 234 -26.67 14.18 19.35
C LEU B 234 -25.56 14.32 20.39
N GLU B 235 -25.83 14.96 21.53
CA GLU B 235 -24.81 15.17 22.56
C GLU B 235 -24.50 13.87 23.31
N LYS B 236 -23.22 13.71 23.66
CA LYS B 236 -22.73 12.53 24.38
C LYS B 236 -21.81 12.96 25.51
N SER B 237 -21.86 12.21 26.61
CA SER B 237 -20.97 12.41 27.75
C SER B 237 -19.70 11.57 27.58
N TYR B 238 -18.58 12.09 28.08
CA TYR B 238 -17.31 11.37 28.06
C TYR B 238 -16.59 11.54 29.39
N GLU B 239 -16.24 10.42 30.02
CA GLU B 239 -15.55 10.43 31.30
C GLU B 239 -14.04 10.43 31.12
N LEU B 240 -13.39 11.47 31.63
CA LEU B 240 -11.93 11.61 31.59
C LEU B 240 -11.29 10.65 32.59
N PRO B 241 -9.99 10.36 32.43
CA PRO B 241 -9.29 9.45 33.37
C PRO B 241 -9.43 9.83 34.85
N ASP B 242 -9.47 11.12 35.16
CA ASP B 242 -9.61 11.60 36.54
C ASP B 242 -11.03 11.55 37.11
N GLY B 243 -12.02 11.15 36.30
CA GLY B 243 -13.40 10.98 36.74
C GLY B 243 -14.34 12.10 36.30
N GLN B 244 -13.78 13.23 35.88
CA GLN B 244 -14.59 14.35 35.41
C GLN B 244 -15.22 14.03 34.06
N VAL B 245 -16.45 14.50 33.88
CA VAL B 245 -17.23 14.23 32.69
C VAL B 245 -17.38 15.52 31.88
N ILE B 246 -17.24 15.39 30.57
CA ILE B 246 -17.47 16.49 29.63
C ILE B 246 -18.53 16.07 28.63
N THR B 247 -19.06 17.05 27.90
CA THR B 247 -20.10 16.82 26.90
C THR B 247 -19.56 17.20 25.52
N ILE B 248 -19.83 16.36 24.53
CA ILE B 248 -19.44 16.61 23.14
C ILE B 248 -20.71 16.66 22.30
N GLY B 249 -20.81 17.66 21.43
CA GLY B 249 -21.98 17.85 20.57
C GLY B 249 -21.62 17.68 19.10
N ASN B 250 -21.77 18.76 18.34
CA ASN B 250 -21.53 18.71 16.89
C ASN B 250 -20.08 18.41 16.49
N GLU B 251 -19.15 18.52 17.44
CA GLU B 251 -17.75 18.11 17.22
C GLU B 251 -17.64 16.63 16.83
N ARG B 252 -18.60 15.83 17.29
CA ARG B 252 -18.67 14.40 16.94
C ARG B 252 -18.58 14.17 15.45
N PHE B 253 -19.30 14.97 14.66
CA PHE B 253 -19.31 14.82 13.19
C PHE B 253 -18.51 15.89 12.43
N ARG B 254 -18.29 17.06 13.04
CA ARG B 254 -17.43 18.07 12.44
C ARG B 254 -15.98 17.60 12.30
N CYS B 255 -15.51 16.78 13.24
CA CYS B 255 -14.14 16.27 13.22
C CYS B 255 -13.85 15.45 11.94
N PRO B 256 -14.57 14.32 11.72
CA PRO B 256 -14.32 13.56 10.48
C PRO B 256 -14.88 14.20 9.20
N GLU B 257 -15.73 15.22 9.31
CA GLU B 257 -16.15 15.99 8.13
C GLU B 257 -14.95 16.56 7.37
N THR B 258 -13.87 16.86 8.10
CA THR B 258 -12.61 17.30 7.53
C THR B 258 -12.11 16.42 6.39
N LEU B 259 -12.35 15.11 6.45
CA LEU B 259 -12.00 14.21 5.34
C LEU B 259 -12.68 14.60 4.03
N PHE B 260 -13.93 15.04 4.14
CA PHE B 260 -14.72 15.50 2.99
C PHE B 260 -14.56 16.99 2.70
N GLN B 261 -14.21 17.77 3.73
CA GLN B 261 -13.94 19.20 3.60
C GLN B 261 -12.59 19.55 4.24
N PRO B 262 -11.47 19.30 3.54
CA PRO B 262 -10.15 19.60 4.08
C PRO B 262 -9.89 21.08 4.42
N SER B 263 -10.69 21.98 3.85
CA SER B 263 -10.67 23.40 4.22
C SER B 263 -10.88 23.65 5.72
N PHE B 264 -11.56 22.72 6.41
CA PHE B 264 -11.72 22.79 7.87
C PHE B 264 -10.39 22.96 8.62
N ILE B 265 -9.31 22.35 8.12
CA ILE B 265 -7.96 22.56 8.69
C ILE B 265 -7.02 23.33 7.74
N GLY B 266 -7.60 24.19 6.91
CA GLY B 266 -6.84 25.05 6.00
C GLY B 266 -6.08 24.35 4.88
N MET B 267 -6.52 23.14 4.52
CA MET B 267 -5.92 22.42 3.41
C MET B 267 -6.71 22.67 2.13
N GLU B 268 -5.99 22.89 1.04
CA GLU B 268 -6.60 23.21 -0.25
C GLU B 268 -7.12 22.00 -1.01
N SER B 269 -6.73 20.80 -0.59
CA SER B 269 -7.17 19.56 -1.24
C SER B 269 -8.69 19.43 -1.29
N ALA B 270 -9.17 18.80 -2.35
CA ALA B 270 -10.54 18.32 -2.40
C ALA B 270 -10.70 17.18 -1.40
N GLY B 271 -11.94 16.89 -1.03
CA GLY B 271 -12.25 15.82 -0.09
C GLY B 271 -12.05 14.44 -0.68
N ILE B 272 -12.04 13.44 0.20
CA ILE B 272 -11.77 12.05 -0.18
C ILE B 272 -12.72 11.47 -1.22
N HIS B 273 -13.97 11.94 -1.23
CA HIS B 273 -14.93 11.59 -2.28
C HIS B 273 -14.49 12.09 -3.66
N GLU B 274 -14.04 13.34 -3.73
CA GLU B 274 -13.63 13.95 -4.99
C GLU B 274 -12.29 13.37 -5.47
N THR B 275 -11.38 13.09 -4.55
CA THR B 275 -10.11 12.47 -4.94
C THR B 275 -10.31 11.02 -5.38
N THR B 276 -11.32 10.32 -4.84
CA THR B 276 -11.70 9.00 -5.35
C THR B 276 -12.13 9.11 -6.82
N TYR B 277 -13.04 10.03 -7.09
CA TYR B 277 -13.50 10.29 -8.45
C TYR B 277 -12.34 10.65 -9.40
N ASN B 278 -11.51 11.60 -8.96
CA ASN B 278 -10.37 12.04 -9.77
C ASN B 278 -9.42 10.89 -10.08
N SER B 279 -9.21 10.00 -9.10
CA SER B 279 -8.34 8.83 -9.28
CA SER B 279 -8.34 8.83 -9.30
C SER B 279 -8.93 7.90 -10.34
N ILE B 280 -10.23 7.61 -10.23
CA ILE B 280 -10.92 6.77 -11.20
C ILE B 280 -10.75 7.36 -12.61
N MET B 281 -10.90 8.67 -12.76
CA MET B 281 -10.79 9.30 -14.09
C MET B 281 -9.40 9.30 -14.70
N LYS B 282 -8.37 9.06 -13.89
CA LYS B 282 -7.00 8.89 -14.38
CA LYS B 282 -6.99 8.88 -14.35
C LYS B 282 -6.71 7.43 -14.81
N CYS B 283 -7.71 6.55 -14.68
CA CYS B 283 -7.58 5.16 -15.10
C CYS B 283 -8.20 4.94 -16.48
N ASP B 284 -7.75 3.86 -17.12
CA ASP B 284 -8.30 3.40 -18.40
C ASP B 284 -9.82 3.44 -18.38
N ILE B 285 -10.39 4.06 -19.41
CA ILE B 285 -11.84 4.16 -19.56
C ILE B 285 -12.57 2.81 -19.35
N ASP B 286 -11.96 1.71 -19.79
CA ASP B 286 -12.58 0.37 -19.70
C ASP B 286 -12.46 -0.29 -18.32
N ILE B 287 -11.65 0.27 -17.43
CA ILE B 287 -11.47 -0.22 -16.05
C ILE B 287 -12.40 0.50 -15.06
N ARG B 288 -12.86 1.70 -15.38
CA ARG B 288 -13.54 2.55 -14.41
C ARG B 288 -14.78 1.93 -13.77
N LYS B 289 -15.60 1.25 -14.58
CA LYS B 289 -16.82 0.59 -14.11
CA LYS B 289 -16.82 0.64 -14.08
C LYS B 289 -16.53 -0.34 -12.94
N ASP B 290 -15.47 -1.14 -13.10
CA ASP B 290 -15.07 -2.11 -12.07
C ASP B 290 -14.55 -1.42 -10.80
N LEU B 291 -13.94 -0.26 -10.94
CA LEU B 291 -13.47 0.51 -9.79
C LEU B 291 -14.66 1.07 -8.99
N TYR B 292 -15.61 1.68 -9.69
CA TYR B 292 -16.84 2.19 -9.04
C TYR B 292 -17.58 1.09 -8.27
N ALA B 293 -17.61 -0.11 -8.84
CA ALA B 293 -18.31 -1.25 -8.26
C ALA B 293 -17.54 -1.91 -7.11
N ASN B 294 -16.29 -1.50 -6.86
CA ASN B 294 -15.44 -2.14 -5.85
C ASN B 294 -14.60 -1.11 -5.11
N ASN B 295 -15.27 -0.15 -4.45
CA ASN B 295 -14.60 0.77 -3.52
C ASN B 295 -14.42 0.01 -2.21
N VAL B 296 -13.17 -0.21 -1.81
CA VAL B 296 -12.88 -0.89 -0.54
C VAL B 296 -12.22 0.10 0.42
N MET B 297 -12.71 0.13 1.66
CA MET B 297 -12.15 1.00 2.69
C MET B 297 -11.24 0.19 3.59
N SER B 298 -10.07 0.74 3.89
CA SER B 298 -9.13 0.10 4.83
C SER B 298 -8.45 1.15 5.70
N GLY B 299 -8.06 0.73 6.90
CA GLY B 299 -7.35 1.58 7.85
C GLY B 299 -8.22 2.14 8.94
N GLY B 300 -7.59 2.51 10.05
CA GLY B 300 -8.30 2.97 11.24
C GLY B 300 -9.18 4.19 11.04
N THR B 301 -8.78 5.10 10.16
CA THR B 301 -9.52 6.34 9.94
C THR B 301 -10.75 6.13 9.04
N THR B 302 -10.91 4.93 8.49
CA THR B 302 -12.18 4.56 7.82
C THR B 302 -13.19 3.90 8.76
N MET B 303 -12.92 3.86 10.07
CA MET B 303 -13.82 3.19 11.03
C MET B 303 -15.03 4.01 11.48
N TYR B 304 -15.08 5.30 11.15
CA TYR B 304 -16.19 6.17 11.59
C TYR B 304 -17.53 5.60 11.16
N PRO B 305 -18.48 5.44 12.11
CA PRO B 305 -19.83 5.14 11.67
C PRO B 305 -20.32 6.16 10.63
N GLY B 306 -21.03 5.67 9.62
CA GLY B 306 -21.60 6.51 8.58
C GLY B 306 -20.71 6.80 7.38
N ILE B 307 -19.41 6.48 7.46
CA ILE B 307 -18.48 6.85 6.39
C ILE B 307 -18.78 6.15 5.07
N ALA B 308 -19.15 4.88 5.12
CA ALA B 308 -19.48 4.12 3.90
C ALA B 308 -20.70 4.70 3.20
N ASP B 309 -21.76 4.98 3.96
CA ASP B 309 -22.96 5.57 3.39
C ASP B 309 -22.74 6.98 2.86
N ARG B 310 -21.92 7.77 3.55
CA ARG B 310 -21.54 9.11 3.07
C ARG B 310 -20.78 9.01 1.74
N MET B 311 -19.84 8.08 1.66
CA MET B 311 -19.05 7.89 0.44
CA MET B 311 -19.06 7.90 0.44
C MET B 311 -19.93 7.42 -0.72
N GLN B 312 -20.87 6.52 -0.44
CA GLN B 312 -21.83 6.06 -1.45
C GLN B 312 -22.60 7.25 -2.02
N LYS B 313 -23.11 8.10 -1.14
CA LYS B 313 -23.84 9.31 -1.53
C LYS B 313 -22.99 10.24 -2.38
N GLU B 314 -21.78 10.54 -1.90
CA GLU B 314 -20.93 11.54 -2.57
C GLU B 314 -20.41 11.05 -3.92
N ILE B 315 -20.00 9.79 -3.99
CA ILE B 315 -19.53 9.23 -5.27
C ILE B 315 -20.69 9.15 -6.28
N THR B 316 -21.88 8.77 -5.80
CA THR B 316 -23.08 8.75 -6.65
C THR B 316 -23.33 10.12 -7.31
N ALA B 317 -23.15 11.20 -6.54
CA ALA B 317 -23.35 12.57 -7.06
C ALA B 317 -22.33 12.99 -8.11
N LEU B 318 -21.12 12.45 -8.04
CA LEU B 318 -20.05 12.77 -8.99
C LEU B 318 -20.08 11.88 -10.24
N ALA B 319 -20.45 10.62 -10.06
CA ALA B 319 -20.36 9.62 -11.11
C ALA B 319 -21.46 9.80 -12.16
N PRO B 320 -21.32 9.13 -13.33
CA PRO B 320 -22.43 9.10 -14.28
C PRO B 320 -23.72 8.56 -13.67
N SER B 321 -24.86 9.07 -14.13
CA SER B 321 -26.16 8.84 -13.45
C SER B 321 -26.55 7.37 -13.26
N THR B 322 -26.17 6.51 -14.19
CA THR B 322 -26.52 5.07 -14.13
C THR B 322 -25.41 4.17 -13.56
N MET B 323 -24.33 4.76 -13.05
CA MET B 323 -23.17 3.98 -12.61
C MET B 323 -23.48 3.13 -11.37
N LYS B 324 -23.18 1.83 -11.45
CA LYS B 324 -23.31 0.94 -10.29
C LYS B 324 -22.12 1.20 -9.36
N ILE B 325 -22.43 1.63 -8.13
CA ILE B 325 -21.43 1.99 -7.14
C ILE B 325 -21.66 1.15 -5.90
N LYS B 326 -20.56 0.65 -5.33
CA LYS B 326 -20.61 -0.14 -4.10
CA LYS B 326 -20.60 -0.13 -4.10
C LYS B 326 -19.38 0.20 -3.25
N ILE B 327 -19.63 0.46 -1.97
CA ILE B 327 -18.59 0.68 -0.98
C ILE B 327 -18.56 -0.57 -0.11
N ILE B 328 -17.38 -1.17 0.01
CA ILE B 328 -17.17 -2.33 0.89
C ILE B 328 -16.35 -1.83 2.07
N ALA B 329 -16.88 -1.99 3.27
CA ALA B 329 -16.21 -1.53 4.49
C ALA B 329 -16.15 -2.72 5.44
N PRO B 330 -15.12 -3.59 5.25
CA PRO B 330 -15.03 -4.80 6.07
C PRO B 330 -14.93 -4.47 7.57
N PRO B 331 -15.67 -5.18 8.42
CA PRO B 331 -15.53 -4.94 9.87
C PRO B 331 -14.09 -5.04 10.40
N GLU B 332 -13.28 -5.89 9.78
CA GLU B 332 -11.86 -6.12 10.14
C GLU B 332 -10.88 -5.05 9.63
N ARG B 333 -11.39 -3.95 9.06
CA ARG B 333 -10.54 -3.08 8.23
C ARG B 333 -9.43 -2.31 8.93
N LYS B 334 -9.42 -2.24 10.26
CA LYS B 334 -8.26 -1.67 10.94
CA LYS B 334 -8.26 -1.72 10.98
C LYS B 334 -7.02 -2.58 10.76
N TYR B 335 -7.24 -3.86 10.41
CA TYR B 335 -6.15 -4.83 10.21
C TYR B 335 -6.16 -5.53 8.85
N SER B 336 -6.96 -5.03 7.89
CA SER B 336 -7.09 -5.74 6.63
CA SER B 336 -7.11 -5.68 6.57
C SER B 336 -5.81 -5.77 5.79
N VAL B 337 -4.94 -4.77 5.91
CA VAL B 337 -3.63 -4.81 5.24
C VAL B 337 -2.85 -6.02 5.76
N TRP B 338 -2.77 -6.12 7.08
CA TRP B 338 -2.06 -7.23 7.72
C TRP B 338 -2.68 -8.57 7.31
N ILE B 339 -4.01 -8.65 7.35
CA ILE B 339 -4.72 -9.90 7.01
C ILE B 339 -4.41 -10.31 5.56
N GLY B 340 -4.44 -9.34 4.65
CA GLY B 340 -4.05 -9.60 3.26
C GLY B 340 -2.65 -10.18 3.15
N GLY B 341 -1.72 -9.61 3.92
CA GLY B 341 -0.36 -10.13 3.99
C GLY B 341 -0.30 -11.56 4.50
N SER B 342 -1.09 -11.84 5.54
CA SER B 342 -1.17 -13.20 6.10
C SER B 342 -1.70 -14.22 5.10
N ILE B 343 -2.75 -13.87 4.36
CA ILE B 343 -3.32 -14.75 3.34
C ILE B 343 -2.31 -14.96 2.21
N LEU B 344 -1.70 -13.87 1.74
CA LEU B 344 -0.77 -13.96 0.62
C LEU B 344 0.45 -14.80 0.97
N ALA B 345 1.06 -14.53 2.12
CA ALA B 345 2.28 -15.24 2.52
C ALA B 345 2.08 -16.74 2.73
N SER B 346 0.83 -17.15 3.01
CA SER B 346 0.45 -18.56 3.19
CA SER B 346 0.49 -18.57 3.19
C SER B 346 0.04 -19.26 1.90
N LEU B 347 -0.11 -18.51 0.81
CA LEU B 347 -0.65 -19.03 -0.44
C LEU B 347 0.39 -19.85 -1.21
N SER B 348 0.00 -21.03 -1.70
CA SER B 348 0.92 -21.93 -2.39
C SER B 348 1.62 -21.29 -3.58
N THR B 349 0.84 -20.59 -4.41
CA THR B 349 1.34 -19.95 -5.61
C THR B 349 2.20 -18.71 -5.34
N PHE B 350 2.11 -18.16 -4.13
CA PHE B 350 2.96 -17.02 -3.75
C PHE B 350 4.42 -17.40 -3.49
N GLN B 351 4.68 -18.64 -3.09
CA GLN B 351 5.99 -19.02 -2.55
C GLN B 351 7.15 -18.76 -3.51
N GLN B 352 6.92 -18.99 -4.80
CA GLN B 352 7.90 -18.66 -5.84
C GLN B 352 8.32 -17.18 -5.91
N MET B 353 7.50 -16.28 -5.36
CA MET B 353 7.77 -14.84 -5.40
C MET B 353 8.58 -14.31 -4.22
N TRP B 354 8.80 -15.10 -3.17
CA TRP B 354 9.73 -14.70 -2.11
C TRP B 354 11.08 -14.35 -2.74
N ILE B 355 11.69 -13.25 -2.27
CA ILE B 355 13.08 -12.98 -2.59
C ILE B 355 13.89 -13.84 -1.63
N THR B 356 14.75 -14.71 -2.15
CA THR B 356 15.61 -15.53 -1.29
C THR B 356 16.93 -14.82 -1.02
N LYS B 357 17.61 -15.23 0.05
CA LYS B 357 18.96 -14.72 0.36
C LYS B 357 19.92 -14.89 -0.83
N GLN B 358 19.84 -16.04 -1.51
N GLN B 358 19.84 -16.04 -1.51
CA GLN B 358 20.67 -16.30 -2.69
CA GLN B 358 20.67 -16.30 -2.69
C GLN B 358 20.43 -15.27 -3.79
C GLN B 358 20.43 -15.28 -3.80
N GLU B 359 19.16 -14.94 -4.03
CA GLU B 359 18.79 -13.92 -5.02
C GLU B 359 19.30 -12.54 -4.64
N TYR B 360 19.21 -12.20 -3.34
CA TYR B 360 19.78 -10.96 -2.85
C TYR B 360 21.30 -10.92 -3.05
N ASP B 361 21.97 -12.03 -2.75
CA ASP B 361 23.42 -12.12 -2.91
C ASP B 361 23.85 -11.94 -4.38
N GLU B 362 23.06 -12.48 -5.31
CA GLU B 362 23.38 -12.37 -6.73
CA GLU B 362 23.36 -12.38 -6.75
C GLU B 362 23.05 -11.00 -7.31
N ALA B 363 21.84 -10.51 -7.03
CA ALA B 363 21.31 -9.30 -7.67
C ALA B 363 21.49 -8.01 -6.89
N GLY B 364 21.66 -8.10 -5.57
CA GLY B 364 21.70 -6.92 -4.72
C GLY B 364 20.32 -6.35 -4.41
N PRO B 365 20.27 -5.20 -3.72
CA PRO B 365 19.01 -4.61 -3.23
C PRO B 365 17.93 -4.38 -4.30
N SER B 366 18.32 -4.15 -5.56
CA SER B 366 17.35 -3.96 -6.65
C SER B 366 16.56 -5.21 -7.03
N ILE B 367 16.90 -6.35 -6.44
CA ILE B 367 16.06 -7.55 -6.54
C ILE B 367 14.60 -7.28 -6.16
N VAL B 368 14.37 -6.34 -5.23
CA VAL B 368 13.01 -5.95 -4.85
C VAL B 368 12.17 -5.47 -6.04
N HIS B 369 12.80 -4.78 -7.00
CA HIS B 369 12.08 -4.32 -8.18
C HIS B 369 11.78 -5.44 -9.17
N ARG B 370 12.62 -6.48 -9.19
CA ARG B 370 12.39 -7.64 -10.05
C ARG B 370 11.20 -8.48 -9.60
N LYS B 371 11.05 -8.67 -8.29
CA LYS B 371 10.11 -9.65 -7.76
C LYS B 371 8.88 -9.09 -7.05
N CYS B 372 8.96 -7.86 -6.52
CA CYS B 372 7.86 -7.29 -5.73
C CYS B 372 7.12 -6.24 -6.55
N PHE B 373 6.09 -6.69 -7.26
CA PHE B 373 5.26 -5.84 -8.09
C PHE B 373 3.92 -6.54 -8.28
#